data_6EKQ
#
_entry.id   6EKQ
#
_cell.length_a   71.208
_cell.length_b   57.784
_cell.length_c   70.446
_cell.angle_alpha   90.00
_cell.angle_beta   108.66
_cell.angle_gamma   90.00
#
_symmetry.space_group_name_H-M   'C 1 2 1'
#
loop_
_entity.id
_entity.type
_entity.pdbx_description
1 polymer Peregrin
2 non-polymer ~{N}-[4-[[(3~{S},5~{R})-3,5-dimethylpiperidin-1-yl]methyl]-1,3-thiazol-2-yl]-2,4-dimethyl-1,3-oxazole-5-carboxamide
3 non-polymer 'NITRATE ION'
4 water water
#
_entity_poly.entity_id   1
_entity_poly.type   'polypeptide(L)'
_entity_poly.pdbx_seq_one_letter_code
;SMEMQLTPFLILLRKTLEQLQEKDTGNIFSEPVPLSEVPDYLDHIKKPMDFFTMKQNLEAYRYLNFDDFEEDFNLIVSNC
LKYNAKDTIFYRAAVRLREQGGAVLRQARRQAEKMG
;
_entity_poly.pdbx_strand_id   A,B
#
loop_
_chem_comp.id
_chem_comp.type
_chem_comp.name
_chem_comp.formula
B0H non-polymer ~{N}-[4-[[(3~{S},5~{R})-3,5-dimethylpiperidin-1-yl]methyl]-1,3-thiazol-2-yl]-2,4-dimethyl-1,3-oxazole-5-carboxamide 'C17 H24 N4 O2 S'
NO3 non-polymer 'NITRATE ION' 'N O3 -1'
#
# COMPACT_ATOMS: atom_id res chain seq x y z
N SER A 1 -10.14 5.70 9.50
CA SER A 1 -10.04 7.05 8.97
C SER A 1 -8.60 7.38 8.60
N MET A 2 -8.43 8.47 7.84
CA MET A 2 -7.09 8.89 7.42
C MET A 2 -6.25 9.36 8.61
N GLU A 3 -6.89 9.97 9.60
CA GLU A 3 -6.15 10.68 10.65
C GLU A 3 -6.23 9.96 12.00
N MET A 4 -6.83 8.78 12.06
CA MET A 4 -6.88 8.07 13.33
C MET A 4 -5.49 7.68 13.78
N GLN A 5 -5.31 7.58 15.10
N GLN A 5 -5.33 7.55 15.09
CA GLN A 5 -4.04 7.13 15.62
CA GLN A 5 -4.09 7.08 15.67
C GLN A 5 -3.79 5.70 15.19
C GLN A 5 -3.80 5.66 15.19
N LEU A 6 -2.64 5.47 14.57
CA LEU A 6 -2.35 4.17 13.98
C LEU A 6 -2.05 3.11 15.04
N THR A 7 -1.42 3.50 16.15
CA THR A 7 -0.94 2.46 17.05
C THR A 7 -2.07 1.70 17.73
N PRO A 8 -3.14 2.37 18.21
CA PRO A 8 -4.30 1.61 18.70
C PRO A 8 -4.89 0.68 17.65
N PHE A 9 -4.89 1.10 16.38
CA PHE A 9 -5.46 0.26 15.35
C PHE A 9 -4.60 -0.98 15.11
N LEU A 10 -3.27 -0.80 15.13
CA LEU A 10 -2.40 -1.96 14.92
C LEU A 10 -2.48 -2.92 16.11
N ILE A 11 -2.61 -2.40 17.33
CA ILE A 11 -2.77 -3.31 18.48
C ILE A 11 -4.07 -4.10 18.33
N LEU A 12 -5.13 -3.43 17.88
CA LEU A 12 -6.37 -4.15 17.59
C LEU A 12 -6.14 -5.24 16.56
N LEU A 13 -5.39 -4.93 15.48
CA LEU A 13 -5.14 -5.97 14.49
C LEU A 13 -4.33 -7.11 15.07
N ARG A 14 -3.38 -6.81 15.97
CA ARG A 14 -2.59 -7.89 16.58
C ARG A 14 -3.48 -8.81 17.40
N LYS A 15 -4.36 -8.22 18.23
CA LYS A 15 -5.28 -9.03 19.03
C LYS A 15 -6.19 -9.86 18.15
N THR A 16 -6.71 -9.24 17.06
CA THR A 16 -7.61 -9.94 16.16
C THR A 16 -6.88 -11.07 15.43
N LEU A 17 -5.66 -10.80 14.96
CA LEU A 17 -4.91 -11.84 14.27
C LEU A 17 -4.63 -13.02 15.19
N GLU A 18 -4.30 -12.76 16.46
CA GLU A 18 -4.12 -13.87 17.39
C GLU A 18 -5.41 -14.67 17.56
N GLN A 19 -6.55 -13.98 17.63
CA GLN A 19 -7.82 -14.68 17.80
C GLN A 19 -8.15 -15.51 16.56
N LEU A 20 -7.84 -15.00 15.37
CA LEU A 20 -8.07 -15.77 14.15
C LEU A 20 -7.15 -16.99 14.10
N GLN A 21 -5.86 -16.80 14.42
CA GLN A 21 -4.93 -17.91 14.35
C GLN A 21 -5.30 -19.00 15.36
N GLU A 22 -5.87 -18.63 16.51
CA GLU A 22 -6.35 -19.61 17.48
C GLU A 22 -7.40 -20.54 16.89
N LYS A 23 -8.08 -20.12 15.82
CA LYS A 23 -9.07 -20.96 15.16
C LYS A 23 -8.45 -21.98 14.23
N ASP A 24 -7.14 -21.92 14.00
CA ASP A 24 -6.47 -22.85 13.10
C ASP A 24 -6.19 -24.14 13.89
N THR A 25 -7.27 -24.83 14.23
CA THR A 25 -7.10 -26.04 15.03
C THR A 25 -6.48 -27.17 14.23
N GLY A 26 -6.59 -27.14 12.91
CA GLY A 26 -5.91 -28.14 12.11
C GLY A 26 -4.45 -27.83 11.85
N ASN A 27 -3.98 -26.65 12.27
CA ASN A 27 -2.59 -26.24 12.05
C ASN A 27 -2.19 -26.38 10.59
N ILE A 28 -3.03 -25.81 9.72
CA ILE A 28 -2.72 -25.83 8.30
C ILE A 28 -2.72 -24.43 7.69
N PHE A 29 -3.02 -23.39 8.47
CA PHE A 29 -3.13 -22.03 7.93
C PHE A 29 -2.12 -21.04 8.50
N SER A 30 -1.20 -21.48 9.36
CA SER A 30 -0.39 -20.55 10.11
C SER A 30 1.02 -20.37 9.54
N GLU A 31 1.37 -21.11 8.50
CA GLU A 31 2.60 -20.94 7.75
C GLU A 31 2.24 -21.07 6.27
N PRO A 32 3.05 -20.51 5.37
CA PRO A 32 2.79 -20.67 3.94
C PRO A 32 2.62 -22.13 3.55
N VAL A 33 1.71 -22.39 2.62
CA VAL A 33 1.64 -23.71 2.00
C VAL A 33 3.04 -24.03 1.47
N PRO A 34 3.62 -25.18 1.86
CA PRO A 34 4.99 -25.52 1.43
C PRO A 34 5.09 -25.83 -0.05
N LEU A 35 5.69 -24.93 -0.82
CA LEU A 35 5.74 -25.12 -2.26
C LEU A 35 6.59 -26.32 -2.65
N SER A 36 7.50 -26.76 -1.79
CA SER A 36 8.30 -27.94 -2.09
C SER A 36 7.45 -29.21 -2.07
N GLU A 37 6.38 -29.21 -1.29
CA GLU A 37 5.47 -30.35 -1.22
C GLU A 37 4.23 -30.16 -2.09
N VAL A 38 3.97 -28.94 -2.53
CA VAL A 38 2.82 -28.65 -3.38
C VAL A 38 3.34 -27.84 -4.57
N PRO A 39 4.10 -28.44 -5.48
CA PRO A 39 4.79 -27.63 -6.50
C PRO A 39 3.86 -27.01 -7.52
N ASP A 40 2.61 -27.44 -7.61
CA ASP A 40 1.67 -26.82 -8.54
C ASP A 40 0.78 -25.79 -7.86
N TYR A 41 1.12 -25.37 -6.64
CA TYR A 41 0.22 -24.49 -5.89
C TYR A 41 0.06 -23.14 -6.58
N LEU A 42 1.17 -22.56 -7.05
CA LEU A 42 1.09 -21.25 -7.70
C LEU A 42 0.49 -21.34 -9.11
N ASP A 43 0.31 -22.54 -9.66
CA ASP A 43 -0.46 -22.68 -10.90
C ASP A 43 -1.93 -22.36 -10.68
N HIS A 44 -2.42 -22.49 -9.45
CA HIS A 44 -3.82 -22.28 -9.12
C HIS A 44 -4.05 -21.04 -8.29
N ILE A 45 -3.11 -20.70 -7.41
CA ILE A 45 -3.31 -19.68 -6.39
C ILE A 45 -2.38 -18.51 -6.70
N LYS A 46 -2.98 -17.36 -7.04
CA LYS A 46 -2.21 -16.18 -7.41
C LYS A 46 -1.64 -15.43 -6.21
N LYS A 47 -2.32 -15.44 -5.07
CA LYS A 47 -1.86 -14.73 -3.88
C LYS A 47 -1.97 -15.64 -2.68
N PRO A 48 -0.97 -16.49 -2.45
CA PRO A 48 -0.92 -17.29 -1.23
C PRO A 48 -1.05 -16.40 0.00
N MET A 49 -1.68 -16.93 1.05
CA MET A 49 -1.76 -16.18 2.29
C MET A 49 -1.85 -17.18 3.44
N ASP A 50 -1.37 -16.75 4.61
CA ASP A 50 -1.35 -17.55 5.82
C ASP A 50 -1.15 -16.60 6.99
N PHE A 51 -1.30 -17.13 8.22
CA PHE A 51 -1.30 -16.22 9.37
C PHE A 51 0.08 -15.67 9.68
N PHE A 52 1.16 -16.40 9.36
CA PHE A 52 2.50 -15.84 9.56
C PHE A 52 2.73 -14.66 8.62
N THR A 53 2.38 -14.84 7.35
CA THR A 53 2.53 -13.77 6.38
C THR A 53 1.68 -12.56 6.78
N MET A 54 0.47 -12.82 7.31
CA MET A 54 -0.36 -11.70 7.77
C MET A 54 0.33 -10.95 8.91
N LYS A 55 0.98 -11.68 9.83
CA LYS A 55 1.70 -11.01 10.90
C LYS A 55 2.84 -10.16 10.34
N GLN A 56 3.56 -10.68 9.35
CA GLN A 56 4.63 -9.91 8.72
C GLN A 56 4.07 -8.64 8.09
N ASN A 57 2.95 -8.79 7.38
CA ASN A 57 2.33 -7.63 6.75
C ASN A 57 1.90 -6.60 7.78
N LEU A 58 1.31 -7.08 8.87
CA LEU A 58 0.86 -6.18 9.93
C LEU A 58 2.03 -5.37 10.47
N GLU A 59 3.13 -6.04 10.81
CA GLU A 59 4.24 -5.33 11.42
C GLU A 59 4.98 -4.44 10.42
N ALA A 60 4.83 -4.70 9.12
CA ALA A 60 5.37 -3.84 8.09
C ALA A 60 4.44 -2.71 7.70
N TYR A 61 3.35 -2.52 8.44
CA TYR A 61 2.39 -1.44 8.24
C TYR A 61 1.71 -1.54 6.87
N ARG A 62 1.47 -2.77 6.41
CA ARG A 62 0.77 -2.97 5.15
C ARG A 62 -0.75 -2.95 5.30
N TYR A 63 -1.26 -3.02 6.54
CA TYR A 63 -2.69 -2.91 6.80
C TYR A 63 -2.93 -1.55 7.46
N LEU A 64 -3.44 -0.60 6.67
CA LEU A 64 -3.76 0.73 7.18
C LEU A 64 -5.26 0.95 7.28
N ASN A 65 -6.05 -0.07 7.02
CA ASN A 65 -7.50 -0.03 7.16
C ASN A 65 -7.93 -1.46 7.44
N PHE A 66 -9.11 -1.60 8.05
CA PHE A 66 -9.54 -2.93 8.47
C PHE A 66 -9.86 -3.84 7.29
N ASP A 67 -10.39 -3.28 6.20
CA ASP A 67 -10.84 -4.12 5.10
C ASP A 67 -9.71 -4.91 4.46
N ASP A 68 -8.52 -4.31 4.35
CA ASP A 68 -7.39 -5.00 3.74
C ASP A 68 -6.92 -6.16 4.61
N PHE A 69 -6.96 -5.98 5.92
CA PHE A 69 -6.69 -7.07 6.85
C PHE A 69 -7.70 -8.19 6.65
N GLU A 70 -8.98 -7.85 6.64
CA GLU A 70 -10.01 -8.88 6.46
C GLU A 70 -9.89 -9.55 5.11
N GLU A 71 -9.50 -8.80 4.07
CA GLU A 71 -9.33 -9.39 2.74
C GLU A 71 -8.26 -10.47 2.75
N ASP A 72 -7.16 -10.26 3.50
CA ASP A 72 -6.13 -11.28 3.51
C ASP A 72 -6.59 -12.50 4.31
N PHE A 73 -7.31 -12.30 5.42
CA PHE A 73 -7.88 -13.47 6.08
C PHE A 73 -8.78 -14.24 5.12
N ASN A 74 -9.62 -13.53 4.37
CA ASN A 74 -10.53 -14.20 3.45
C ASN A 74 -9.77 -15.01 2.40
N LEU A 75 -8.56 -14.55 2.03
CA LEU A 75 -7.73 -15.26 1.07
C LEU A 75 -7.26 -16.60 1.61
N ILE A 76 -6.89 -16.63 2.90
CA ILE A 76 -6.52 -17.90 3.51
C ILE A 76 -7.63 -18.93 3.28
N VAL A 77 -8.87 -18.51 3.54
CA VAL A 77 -10.03 -19.39 3.35
C VAL A 77 -10.23 -19.71 1.89
N SER A 78 -10.33 -18.67 1.03
CA SER A 78 -10.72 -18.91 -0.35
C SER A 78 -9.65 -19.65 -1.14
N ASN A 79 -8.36 -19.40 -0.87
CA ASN A 79 -7.29 -20.17 -1.51
C ASN A 79 -7.47 -21.65 -1.22
N CYS A 80 -7.82 -21.97 0.03
CA CYS A 80 -7.91 -23.35 0.45
C CYS A 80 -9.11 -24.05 -0.16
N LEU A 81 -10.26 -23.36 -0.21
CA LEU A 81 -11.43 -23.90 -0.91
C LEU A 81 -11.14 -24.11 -2.38
N LYS A 82 -10.39 -23.18 -2.98
CA LYS A 82 -10.15 -23.25 -4.42
C LYS A 82 -9.23 -24.40 -4.77
N TYR A 83 -8.13 -24.55 -4.03
CA TYR A 83 -7.12 -25.54 -4.40
C TYR A 83 -7.55 -26.96 -4.09
N ASN A 84 -8.22 -27.18 -2.96
CA ASN A 84 -8.43 -28.51 -2.44
C ASN A 84 -9.81 -29.03 -2.80
N ALA A 85 -9.89 -30.34 -2.98
CA ALA A 85 -11.17 -30.98 -3.24
C ALA A 85 -12.05 -30.91 -1.99
N LYS A 86 -13.37 -31.00 -2.21
CA LYS A 86 -14.30 -30.82 -1.10
C LYS A 86 -14.12 -31.91 -0.04
N ASP A 87 -13.83 -33.13 -0.47
CA ASP A 87 -13.68 -34.24 0.47
C ASP A 87 -12.23 -34.35 0.92
N THR A 88 -11.74 -33.28 1.54
CA THR A 88 -10.42 -33.26 2.15
C THR A 88 -10.51 -32.63 3.53
N ILE A 89 -9.57 -32.99 4.39
CA ILE A 89 -9.42 -32.30 5.67
C ILE A 89 -9.21 -30.81 5.45
N PHE A 90 -8.37 -30.46 4.47
CA PHE A 90 -8.05 -29.06 4.24
C PHE A 90 -9.30 -28.27 3.89
N TYR A 91 -10.14 -28.79 2.99
CA TYR A 91 -11.34 -28.06 2.61
C TYR A 91 -12.27 -27.88 3.80
N ARG A 92 -12.52 -28.96 4.53
CA ARG A 92 -13.41 -28.88 5.68
C ARG A 92 -12.88 -27.91 6.72
N ALA A 93 -11.56 -27.88 6.91
CA ALA A 93 -10.95 -26.96 7.86
C ALA A 93 -11.10 -25.52 7.40
N ALA A 94 -11.06 -25.28 6.09
CA ALA A 94 -11.28 -23.92 5.61
C ALA A 94 -12.71 -23.45 5.88
N VAL A 95 -13.68 -24.35 5.72
CA VAL A 95 -15.06 -24.01 6.03
C VAL A 95 -15.19 -23.69 7.52
N ARG A 96 -14.58 -24.52 8.38
CA ARG A 96 -14.62 -24.22 9.81
C ARG A 96 -13.98 -22.88 10.11
N LEU A 97 -12.85 -22.57 9.46
CA LEU A 97 -12.17 -21.29 9.70
C LEU A 97 -13.03 -20.12 9.25
N ARG A 98 -13.71 -20.26 8.11
CA ARG A 98 -14.62 -19.22 7.65
C ARG A 98 -15.70 -18.95 8.68
N GLU A 99 -16.26 -20.03 9.23
CA GLU A 99 -17.35 -19.91 10.21
C GLU A 99 -16.85 -19.27 11.49
N GLN A 100 -15.73 -19.77 12.02
CA GLN A 100 -15.24 -19.29 13.31
C GLN A 100 -14.60 -17.92 13.23
N GLY A 101 -13.91 -17.64 12.11
CA GLY A 101 -13.28 -16.34 11.95
C GLY A 101 -14.28 -15.22 11.75
N GLY A 102 -15.47 -15.54 11.23
CA GLY A 102 -16.46 -14.51 10.97
C GLY A 102 -16.89 -13.77 12.22
N ALA A 103 -17.11 -14.50 13.31
CA ALA A 103 -17.52 -13.84 14.55
C ALA A 103 -16.39 -13.00 15.13
N VAL A 104 -15.15 -13.49 15.03
CA VAL A 104 -13.99 -12.71 15.45
C VAL A 104 -13.94 -11.39 14.69
N LEU A 105 -14.13 -11.47 13.38
CA LEU A 105 -14.02 -10.27 12.55
C LEU A 105 -15.16 -9.28 12.81
N ARG A 106 -16.39 -9.78 13.02
CA ARG A 106 -17.51 -8.86 13.29
C ARG A 106 -17.27 -8.07 14.55
N GLN A 107 -16.79 -8.72 15.61
CA GLN A 107 -16.50 -8.00 16.85
C GLN A 107 -15.33 -7.04 16.68
N ALA A 108 -14.29 -7.48 15.97
CA ALA A 108 -13.13 -6.62 15.78
C ALA A 108 -13.48 -5.39 14.95
N ARG A 109 -14.34 -5.56 13.94
CA ARG A 109 -14.68 -4.41 13.12
C ARG A 109 -15.43 -3.35 13.91
N ARG A 110 -16.29 -3.79 14.84
CA ARG A 110 -16.98 -2.84 15.71
C ARG A 110 -15.99 -2.01 16.52
N GLN A 111 -14.92 -2.65 17.01
CA GLN A 111 -13.89 -1.90 17.71
C GLN A 111 -13.14 -0.95 16.78
N ALA A 112 -12.86 -1.40 15.55
CA ALA A 112 -12.12 -0.55 14.62
C ALA A 112 -12.91 0.70 14.27
N GLU A 113 -14.23 0.54 14.12
CA GLU A 113 -15.07 1.68 13.76
C GLU A 113 -15.08 2.73 14.85
N LYS A 114 -14.91 2.33 16.11
CA LYS A 114 -14.91 3.32 17.19
C LYS A 114 -13.63 4.16 17.23
N MET A 115 -12.60 3.79 16.46
CA MET A 115 -11.33 4.52 16.45
C MET A 115 -11.28 5.67 15.46
N GLY A 116 -12.18 5.71 14.49
CA GLY A 116 -12.07 6.64 13.39
C GLY A 116 -11.95 8.11 13.73
N GLN B 5 1.13 11.25 16.09
CA GLN B 5 1.19 11.82 14.75
C GLN B 5 1.39 10.73 13.70
N LEU B 6 1.63 9.50 14.14
CA LEU B 6 1.65 8.36 13.24
C LEU B 6 0.22 8.04 12.82
N THR B 7 -0.14 8.39 11.59
CA THR B 7 -1.48 8.17 11.05
C THR B 7 -1.40 7.27 9.84
N PRO B 8 -2.50 6.56 9.51
CA PRO B 8 -2.52 5.78 8.27
C PRO B 8 -2.18 6.62 7.06
N PHE B 9 -2.68 7.85 6.99
CA PHE B 9 -2.46 8.66 5.78
C PHE B 9 -0.99 9.05 5.64
N LEU B 10 -0.32 9.40 6.73
CA LEU B 10 1.11 9.71 6.66
C LEU B 10 1.90 8.51 6.13
N ILE B 11 1.62 7.33 6.66
CA ILE B 11 2.34 6.15 6.21
C ILE B 11 2.04 5.87 4.74
N LEU B 12 0.78 6.03 4.32
CA LEU B 12 0.44 5.80 2.92
C LEU B 12 1.19 6.78 2.01
N LEU B 13 1.22 8.06 2.39
CA LEU B 13 1.91 9.02 1.53
C LEU B 13 3.42 8.79 1.52
N ARG B 14 3.99 8.42 2.67
CA ARG B 14 5.42 8.09 2.71
C ARG B 14 5.75 6.97 1.74
N LYS B 15 4.94 5.91 1.74
CA LYS B 15 5.19 4.78 0.85
C LYS B 15 4.95 5.18 -0.59
N THR B 16 3.89 5.96 -0.84
CA THR B 16 3.58 6.37 -2.20
C THR B 16 4.71 7.22 -2.77
N LEU B 17 5.21 8.17 -1.99
CA LEU B 17 6.31 9.00 -2.47
C LEU B 17 7.54 8.15 -2.76
N GLU B 18 7.82 7.16 -1.90
CA GLU B 18 8.93 6.25 -2.17
C GLU B 18 8.71 5.50 -3.48
N GLN B 19 7.47 5.07 -3.73
CA GLN B 19 7.18 4.34 -4.96
C GLN B 19 7.35 5.23 -6.18
N LEU B 20 6.95 6.50 -6.09
CA LEU B 20 7.14 7.43 -7.20
C LEU B 20 8.62 7.68 -7.45
N GLN B 21 9.41 7.90 -6.39
CA GLN B 21 10.83 8.13 -6.56
C GLN B 21 11.53 6.95 -7.20
N GLU B 22 11.05 5.73 -6.93
CA GLU B 22 11.64 4.53 -7.53
C GLU B 22 11.53 4.55 -9.04
N LYS B 23 10.52 5.23 -9.59
CA LYS B 23 10.38 5.34 -11.04
C LYS B 23 11.40 6.28 -11.67
N ASP B 24 12.01 7.16 -10.87
CA ASP B 24 12.99 8.13 -11.36
C ASP B 24 14.39 7.51 -11.32
N THR B 25 14.61 6.56 -12.23
CA THR B 25 15.86 5.83 -12.26
C THR B 25 17.04 6.72 -12.63
N GLY B 26 16.81 7.84 -13.31
CA GLY B 26 17.87 8.72 -13.73
C GLY B 26 18.22 9.81 -12.74
N ASN B 27 17.54 9.85 -11.60
CA ASN B 27 17.70 10.91 -10.60
C ASN B 27 17.51 12.29 -11.24
N ILE B 28 16.50 12.38 -12.10
CA ILE B 28 16.14 13.62 -12.78
C ILE B 28 15.24 14.52 -11.93
N PHE B 29 14.49 13.93 -11.00
CA PHE B 29 13.44 14.63 -10.28
C PHE B 29 13.61 14.52 -8.77
N SER B 30 14.74 14.00 -8.29
N SER B 30 14.74 14.02 -8.29
CA SER B 30 14.91 13.75 -6.86
CA SER B 30 14.88 13.76 -6.86
C SER B 30 15.26 15.00 -6.08
C SER B 30 15.37 14.96 -6.07
N GLU B 31 15.79 16.03 -6.74
CA GLU B 31 16.17 17.28 -6.11
C GLU B 31 15.71 18.41 -7.00
N PRO B 32 15.60 19.64 -6.47
CA PRO B 32 15.21 20.78 -7.33
C PRO B 32 16.09 20.88 -8.56
N VAL B 33 15.49 21.34 -9.66
CA VAL B 33 16.27 21.68 -10.85
C VAL B 33 17.35 22.65 -10.41
N PRO B 34 18.61 22.37 -10.71
CA PRO B 34 19.69 23.24 -10.21
C PRO B 34 19.74 24.56 -10.92
N LEU B 35 19.40 25.64 -10.20
CA LEU B 35 19.35 26.96 -10.82
C LEU B 35 20.73 27.43 -11.27
N SER B 36 21.79 26.95 -10.63
CA SER B 36 23.14 27.34 -11.07
C SER B 36 23.44 26.81 -12.47
N GLU B 37 22.79 25.72 -12.86
CA GLU B 37 22.94 25.16 -14.20
C GLU B 37 21.83 25.62 -15.15
N VAL B 38 20.66 25.97 -14.63
CA VAL B 38 19.52 26.42 -15.43
C VAL B 38 19.12 27.80 -14.93
N PRO B 39 19.89 28.84 -15.27
CA PRO B 39 19.69 30.14 -14.62
C PRO B 39 18.38 30.83 -14.96
N ASP B 40 17.76 30.51 -16.09
CA ASP B 40 16.50 31.15 -16.47
C ASP B 40 15.27 30.33 -16.04
N TYR B 41 15.46 29.28 -15.24
CA TYR B 41 14.36 28.36 -14.95
C TYR B 41 13.16 29.09 -14.36
N LEU B 42 13.39 29.96 -13.37
CA LEU B 42 12.29 30.67 -12.72
C LEU B 42 11.66 31.73 -13.62
N ASP B 43 12.29 32.08 -14.75
CA ASP B 43 11.62 32.96 -15.70
C ASP B 43 10.46 32.26 -16.38
N HIS B 44 10.46 30.92 -16.41
CA HIS B 44 9.46 30.15 -17.13
C HIS B 44 8.58 29.32 -16.23
N ILE B 45 9.07 28.95 -15.04
CA ILE B 45 8.41 27.98 -14.18
C ILE B 45 8.03 28.68 -12.89
N LYS B 46 6.73 28.91 -12.69
CA LYS B 46 6.28 29.68 -11.53
C LYS B 46 6.46 28.91 -10.24
N LYS B 47 6.25 27.59 -10.26
CA LYS B 47 6.32 26.78 -9.04
C LYS B 47 7.16 25.53 -9.26
N PRO B 48 8.46 25.60 -9.02
CA PRO B 48 9.31 24.41 -9.12
C PRO B 48 8.87 23.34 -8.12
N MET B 49 9.11 22.08 -8.50
CA MET B 49 8.76 20.95 -7.65
C MET B 49 9.66 19.77 -7.97
N ASP B 50 9.90 18.93 -6.96
CA ASP B 50 10.75 17.75 -7.07
C ASP B 50 10.40 16.84 -5.89
N PHE B 51 10.99 15.65 -5.88
CA PHE B 51 10.58 14.68 -4.88
C PHE B 51 11.13 15.01 -3.50
N PHE B 52 12.29 15.67 -3.43
CA PHE B 52 12.82 16.04 -2.12
C PHE B 52 11.98 17.14 -1.49
N THR B 53 11.61 18.16 -2.29
CA THR B 53 10.67 19.15 -1.81
C THR B 53 9.35 18.51 -1.38
N MET B 54 8.87 17.53 -2.15
CA MET B 54 7.65 16.84 -1.75
C MET B 54 7.85 16.12 -0.42
N LYS B 55 9.03 15.51 -0.22
CA LYS B 55 9.29 14.83 1.05
C LYS B 55 9.32 15.83 2.21
N GLN B 56 9.99 16.96 2.01
CA GLN B 56 9.98 18.02 3.02
C GLN B 56 8.56 18.44 3.35
N ASN B 57 7.73 18.68 2.31
CA ASN B 57 6.34 19.04 2.53
C ASN B 57 5.63 17.97 3.32
N LEU B 58 5.85 16.70 2.94
CA LEU B 58 5.14 15.61 3.60
C LEU B 58 5.50 15.55 5.07
N GLU B 59 6.80 15.62 5.39
CA GLU B 59 7.23 15.51 6.78
C GLU B 59 6.91 16.75 7.60
N ALA B 60 6.55 17.86 6.96
CA ALA B 60 6.08 19.05 7.65
C ALA B 60 4.56 19.10 7.71
N TYR B 61 3.90 17.98 7.39
CA TYR B 61 2.45 17.83 7.50
C TYR B 61 1.70 18.85 6.65
N ARG B 62 2.21 19.10 5.45
CA ARG B 62 1.57 20.00 4.52
C ARG B 62 0.57 19.31 3.59
N TYR B 63 0.58 17.97 3.51
CA TYR B 63 -0.36 17.23 2.64
C TYR B 63 -1.51 16.70 3.51
N LEU B 64 -2.64 17.40 3.47
CA LEU B 64 -3.81 17.01 4.25
C LEU B 64 -4.83 16.21 3.45
N ASN B 65 -4.65 16.09 2.13
CA ASN B 65 -5.52 15.25 1.32
C ASN B 65 -4.69 14.70 0.17
N PHE B 66 -5.25 13.69 -0.51
CA PHE B 66 -4.51 13.08 -1.61
C PHE B 66 -4.38 14.02 -2.79
N ASP B 67 -5.40 14.83 -3.05
CA ASP B 67 -5.36 15.74 -4.20
C ASP B 67 -4.13 16.64 -4.16
N ASP B 68 -3.85 17.23 -2.99
CA ASP B 68 -2.74 18.17 -2.89
C ASP B 68 -1.41 17.46 -3.13
N PHE B 69 -1.29 16.22 -2.67
CA PHE B 69 -0.11 15.41 -2.92
C PHE B 69 0.03 15.15 -4.42
N GLU B 70 -1.05 14.70 -5.06
CA GLU B 70 -1.01 14.39 -6.48
C GLU B 70 -0.73 15.64 -7.30
N GLU B 71 -1.27 16.79 -6.86
CA GLU B 71 -1.05 18.05 -7.56
C GLU B 71 0.44 18.38 -7.64
N ASP B 72 1.18 18.11 -6.58
CA ASP B 72 2.61 18.40 -6.61
C ASP B 72 3.36 17.41 -7.49
N PHE B 73 2.94 16.15 -7.55
CA PHE B 73 3.57 15.23 -8.50
C PHE B 73 3.30 15.68 -9.92
N ASN B 74 2.05 16.06 -10.22
CA ASN B 74 1.74 16.53 -11.56
C ASN B 74 2.56 17.74 -11.94
N LEU B 75 2.91 18.57 -10.94
CA LEU B 75 3.73 19.75 -11.16
C LEU B 75 5.14 19.38 -11.60
N ILE B 76 5.73 18.34 -10.98
CA ILE B 76 7.03 17.83 -11.41
C ILE B 76 7.01 17.52 -12.89
N VAL B 77 5.98 16.79 -13.33
CA VAL B 77 5.86 16.37 -14.71
C VAL B 77 5.62 17.58 -15.61
N SER B 78 4.62 18.40 -15.28
CA SER B 78 4.20 19.46 -16.20
C SER B 78 5.26 20.54 -16.32
N ASN B 79 5.96 20.87 -15.22
CA ASN B 79 7.09 21.81 -15.31
C ASN B 79 8.12 21.30 -16.30
N CYS B 80 8.42 20.00 -16.24
CA CYS B 80 9.46 19.44 -17.08
C CYS B 80 9.06 19.44 -18.55
N LEU B 81 7.80 19.05 -18.83
CA LEU B 81 7.32 19.07 -20.21
C LEU B 81 7.23 20.48 -20.77
N LYS B 82 6.94 21.47 -19.91
CA LYS B 82 6.84 22.84 -20.38
C LYS B 82 8.20 23.44 -20.68
N TYR B 83 9.17 23.21 -19.79
CA TYR B 83 10.47 23.86 -19.95
C TYR B 83 11.31 23.22 -21.06
N ASN B 84 11.29 21.89 -21.16
CA ASN B 84 12.22 21.16 -22.01
C ASN B 84 11.60 20.82 -23.37
N ALA B 85 12.42 20.91 -24.42
CA ALA B 85 12.00 20.45 -25.74
C ALA B 85 11.85 18.93 -25.75
N LYS B 86 11.08 18.43 -26.72
CA LYS B 86 10.73 17.01 -26.73
C LYS B 86 11.97 16.13 -26.82
N ASP B 87 12.92 16.47 -27.69
CA ASP B 87 14.12 15.65 -27.86
C ASP B 87 15.18 15.99 -26.80
N THR B 88 14.82 15.72 -25.54
CA THR B 88 15.72 15.90 -24.42
C THR B 88 15.55 14.72 -23.48
N ILE B 89 16.60 14.40 -22.73
CA ILE B 89 16.47 13.36 -21.72
C ILE B 89 15.42 13.76 -20.69
N PHE B 90 15.29 15.07 -20.40
CA PHE B 90 14.37 15.51 -19.37
C PHE B 90 12.92 15.32 -19.80
N TYR B 91 12.60 15.69 -21.05
CA TYR B 91 11.24 15.52 -21.54
C TYR B 91 10.85 14.05 -21.58
N ARG B 92 11.73 13.20 -22.12
CA ARG B 92 11.43 11.77 -22.19
C ARG B 92 11.27 11.17 -20.80
N ALA B 93 12.10 11.61 -19.85
CA ALA B 93 12.01 11.12 -18.47
C ALA B 93 10.70 11.53 -17.83
N ALA B 94 10.20 12.72 -18.14
CA ALA B 94 8.93 13.16 -17.57
C ALA B 94 7.75 12.42 -18.19
N VAL B 95 7.84 12.05 -19.47
CA VAL B 95 6.76 11.28 -20.07
C VAL B 95 6.71 9.87 -19.45
N ARG B 96 7.87 9.27 -19.24
CA ARG B 96 7.92 7.98 -18.54
C ARG B 96 7.41 8.10 -17.11
N LEU B 97 7.81 9.16 -16.41
CA LEU B 97 7.36 9.37 -15.04
C LEU B 97 5.84 9.55 -14.98
N ARG B 98 5.27 10.29 -15.95
CA ARG B 98 3.83 10.47 -15.98
C ARG B 98 3.10 9.14 -16.10
N GLU B 99 3.59 8.24 -16.96
CA GLU B 99 2.90 6.99 -17.20
C GLU B 99 3.10 6.03 -16.02
N GLN B 100 4.35 5.85 -15.59
CA GLN B 100 4.62 4.93 -14.48
C GLN B 100 4.13 5.49 -13.15
N GLY B 101 4.34 6.79 -12.91
CA GLY B 101 3.84 7.38 -11.69
C GLY B 101 2.33 7.45 -11.63
N GLY B 102 1.68 7.62 -12.78
CA GLY B 102 0.22 7.63 -12.80
C GLY B 102 -0.37 6.34 -12.26
N ALA B 103 0.22 5.20 -12.63
CA ALA B 103 -0.27 3.92 -12.11
C ALA B 103 -0.08 3.83 -10.60
N VAL B 104 1.07 4.28 -10.11
CA VAL B 104 1.32 4.30 -8.66
C VAL B 104 0.26 5.12 -7.95
N LEU B 105 -0.08 6.29 -8.50
CA LEU B 105 -1.02 7.18 -7.85
C LEU B 105 -2.45 6.66 -7.93
N ARG B 106 -2.79 5.93 -8.99
CA ARG B 106 -4.14 5.39 -9.06
C ARG B 106 -4.35 4.34 -7.98
N GLN B 107 -3.37 3.47 -7.78
CA GLN B 107 -3.47 2.49 -6.70
C GLN B 107 -3.43 3.17 -5.33
N ALA B 108 -2.56 4.17 -5.16
CA ALA B 108 -2.49 4.84 -3.86
C ALA B 108 -3.77 5.58 -3.54
N ARG B 109 -4.43 6.16 -4.55
CA ARG B 109 -5.69 6.85 -4.29
C ARG B 109 -6.75 5.87 -3.83
N ARG B 110 -6.79 4.67 -4.42
CA ARG B 110 -7.73 3.66 -3.95
C ARG B 110 -7.47 3.30 -2.50
N GLN B 111 -6.19 3.19 -2.12
CA GLN B 111 -5.86 2.90 -0.73
C GLN B 111 -6.33 4.03 0.18
N ALA B 112 -6.16 5.27 -0.23
CA ALA B 112 -6.64 6.39 0.57
C ALA B 112 -8.16 6.30 0.74
N GLU B 113 -8.87 5.92 -0.32
CA GLU B 113 -10.34 5.84 -0.23
C GLU B 113 -10.79 4.74 0.72
N LYS B 114 -9.97 3.70 0.91
CA LYS B 114 -10.31 2.65 1.86
C LYS B 114 -10.31 3.14 3.29
N MET B 115 -9.69 4.29 3.55
CA MET B 115 -9.60 4.78 4.92
C MET B 115 -10.93 5.36 5.40
N GLY B 116 -11.84 5.69 4.49
CA GLY B 116 -13.12 6.24 4.89
C GLY B 116 -13.02 7.71 5.25
CAA B0H C . -4.33 -24.73 3.68
CAB B0H C . -2.72 -27.34 -0.31
CAC B0H C . 4.42 -28.23 10.83
CAD B0H C . 5.16 -25.65 6.60
CAF B0H C . 2.47 -30.47 4.09
CAG B0H C . 4.83 -26.94 8.74
CAH B0H C . 2.89 -29.99 6.53
CAI B0H C . 3.56 -29.08 8.64
CAJ B0H C . 3.99 -27.86 6.60
CAP B0H C . -1.02 -28.06 2.33
CAQ B0H C . -3.52 -25.70 2.81
CAR B0H C . 2.14 -29.79 5.20
CAS B0H C . -2.80 -26.84 1.14
CAT B0H C . 0.56 -28.87 3.87
CAU B0H C . -2.05 -27.19 2.20
CAV B0H C . 3.84 -27.84 9.48
CAW B0H C . 4.22 -26.57 7.39
NAK B0H C . -3.70 -25.91 1.51
NAL B0H C . 1.11 -28.91 5.09
NAM B0H C . -0.47 -28.07 3.56
NAX B0H C . 3.04 -28.74 7.30
OAE B0H C . -0.66 -28.78 1.39
OAN B0H C . -2.52 -26.45 3.28
SAO B0H C . 1.41 -29.98 2.86
N NO3 D . 0.57 -24.41 9.26
O1 NO3 D . 0.25 -24.07 8.02
O2 NO3 D . -0.15 -23.99 10.25
O3 NO3 D . 1.64 -25.17 9.48
N NO3 E . -11.47 -32.97 9.43
O1 NO3 E . -11.54 -34.20 9.12
O2 NO3 E . -12.08 -32.12 8.72
O3 NO3 E . -10.79 -32.57 10.47
CAA B0H F . 13.47 17.95 -14.48
CAB B0H F . 15.67 21.75 -16.91
CAC B0H F . 21.16 13.31 -15.69
CAD B0H F . 22.81 12.45 -11.07
CAF B0H F . 22.23 19.04 -14.46
CAG B0H F . 21.91 12.86 -13.37
CAH B0H F . 22.49 17.07 -12.86
CAI B0H F . 21.84 15.19 -14.23
CAJ B0H F . 22.64 14.80 -12.00
CAP B0H F . 17.80 19.95 -15.36
CAQ B0H F . 14.54 18.89 -15.02
CAR B0H F . 21.67 18.09 -13.68
CAS B0H F . 15.51 20.49 -16.04
CAT B0H F . 19.74 19.02 -14.40
CAU B0H F . 16.47 19.80 -15.41
CAV B0H F . 21.15 13.83 -14.26
CAW B0H F . 21.99 13.41 -11.96
NAK B0H F . 14.31 19.95 -15.79
NAL B0H F . 20.33 18.07 -13.65
NAM B0H F . 18.40 19.09 -14.50
NAX B0H F . 21.87 15.72 -12.85
OAE B0H F . 18.42 20.76 -16.06
OAN B0H F . 15.86 18.77 -14.77
SAO B0H F . 20.97 19.93 -15.18
#